data_4MQD
#
_entry.id   4MQD
#
_cell.length_a   125.826
_cell.length_b   125.826
_cell.length_c   37.013
_cell.angle_alpha   90.000
_cell.angle_beta   90.000
_cell.angle_gamma   120.000
#
_symmetry.space_group_name_H-M   'P 32'
#
loop_
_entity.id
_entity.type
_entity.pdbx_description
1 polymer 'DNA-entry nuclease inhibitor'
2 water water
#
_entity_poly.entity_id   1
_entity_poly.type   'polypeptide(L)'
_entity_poly.pdbx_seq_one_letter_code
;SNA(MSE)IKSWKPQELSISYHQFTVFQKDSTPPV(MSE)DWTDEAIEKGYAAADGAISFEAQRNTKAFILFRLNSSETV
NSYEKKVTVPFHVTENGIHIESI(MSE)SKRLSFDLPKGDYQLTCWTVPAE(MSE)SDLHADTYIIDAVSV
;
_entity_poly.pdbx_strand_id   A,B,C,D
#
# COMPACT_ATOMS: atom_id res chain seq x y z
N ALA A 3 -6.57 0.92 -12.58
CA ALA A 3 -7.88 1.36 -12.04
C ALA A 3 -7.83 2.83 -11.63
N MSE A 4 -8.94 3.54 -11.83
CA MSE A 4 -9.05 4.95 -11.50
C MSE A 4 -9.39 5.11 -10.04
O MSE A 4 -10.54 4.91 -9.64
CB MSE A 4 -10.10 5.61 -12.40
CG MSE A 4 -10.49 7.02 -11.98
SE MSE A 4 -8.92 8.19 -11.78
CE MSE A 4 -9.84 9.70 -10.92
N ILE A 5 -8.41 5.47 -9.23
CA ILE A 5 -8.58 5.59 -7.79
C ILE A 5 -8.82 7.04 -7.39
N LYS A 6 -9.75 7.24 -6.46
CA LYS A 6 -10.11 8.58 -6.00
C LYS A 6 -10.73 8.49 -4.61
N SER A 7 -10.32 9.39 -3.72
CA SER A 7 -10.82 9.43 -2.34
C SER A 7 -11.31 10.83 -1.98
N TRP A 8 -12.30 10.90 -1.11
CA TRP A 8 -12.89 12.16 -0.67
C TRP A 8 -12.68 12.39 0.82
N LYS A 9 -12.52 13.66 1.18
CA LYS A 9 -12.48 14.08 2.57
C LYS A 9 -13.76 13.61 3.29
N PRO A 10 -13.65 13.12 4.53
CA PRO A 10 -14.85 12.75 5.27
C PRO A 10 -15.84 13.92 5.37
N GLN A 11 -17.13 13.62 5.22
CA GLN A 11 -18.18 14.64 5.24
C GLN A 11 -19.16 14.37 6.37
N GLU A 12 -19.27 15.32 7.28
CA GLU A 12 -20.24 15.22 8.38
C GLU A 12 -21.65 15.37 7.83
N LEU A 13 -22.58 14.60 8.38
CA LEU A 13 -23.96 14.59 7.90
C LEU A 13 -24.90 14.23 9.05
N SER A 14 -25.94 15.04 9.25
CA SER A 14 -26.96 14.74 10.26
C SER A 14 -27.96 13.75 9.70
N ILE A 15 -27.99 12.55 10.28
CA ILE A 15 -28.91 11.50 9.85
C ILE A 15 -30.27 11.68 10.52
N SER A 16 -31.33 11.66 9.71
CA SER A 16 -32.69 11.65 10.23
C SER A 16 -33.42 10.44 9.67
N TYR A 17 -34.37 9.93 10.45
CA TYR A 17 -35.21 8.80 10.05
C TYR A 17 -34.39 7.58 9.61
N HIS A 18 -33.26 7.36 10.28
CA HIS A 18 -32.42 6.17 10.09
C HIS A 18 -32.09 5.86 8.63
N GLN A 19 -31.78 6.90 7.86
CA GLN A 19 -31.44 6.71 6.45
C GLN A 19 -30.66 7.86 5.85
N PHE A 20 -29.94 7.55 4.77
CA PHE A 20 -29.39 8.56 3.86
C PHE A 20 -29.46 7.98 2.45
N THR A 21 -29.46 8.85 1.45
CA THR A 21 -29.77 8.42 0.09
C THR A 21 -28.74 8.92 -0.91
N VAL A 22 -28.28 8.00 -1.76
CA VAL A 22 -27.38 8.30 -2.86
C VAL A 22 -28.23 8.41 -4.13
N PHE A 23 -28.13 9.54 -4.82
CA PHE A 23 -28.97 9.80 -5.99
C PHE A 23 -28.29 10.63 -7.08
N GLN A 24 -28.94 10.70 -8.24
CA GLN A 24 -28.38 11.35 -9.42
C GLN A 24 -28.30 12.86 -9.22
N LYS A 25 -27.36 13.48 -9.93
CA LYS A 25 -27.11 14.92 -9.82
C LYS A 25 -28.37 15.78 -9.92
N ASP A 26 -29.23 15.45 -10.88
CA ASP A 26 -30.43 16.24 -11.16
C ASP A 26 -31.70 15.41 -10.98
N SER A 27 -31.92 14.94 -9.75
CA SER A 27 -33.12 14.18 -9.40
C SER A 27 -33.51 14.43 -7.95
N THR A 28 -34.79 14.27 -7.65
CA THR A 28 -35.32 14.46 -6.30
C THR A 28 -35.89 13.13 -5.80
N PRO A 29 -35.11 12.39 -5.00
CA PRO A 29 -35.52 11.05 -4.60
C PRO A 29 -36.56 11.03 -3.48
N PRO A 30 -37.50 10.08 -3.52
CA PRO A 30 -38.49 9.95 -2.46
C PRO A 30 -37.92 9.24 -1.23
N VAL A 31 -38.72 9.18 -0.16
CA VAL A 31 -38.35 8.43 1.04
C VAL A 31 -38.84 6.99 0.84
N MSE A 32 -37.98 6.03 1.17
CA MSE A 32 -38.22 4.63 0.84
C MSE A 32 -39.04 3.95 1.89
O MSE A 32 -39.05 4.36 3.06
CB MSE A 32 -36.90 3.89 0.71
CG MSE A 32 -35.96 4.51 -0.32
SE MSE A 32 -36.65 4.31 -2.15
CE MSE A 32 -35.15 5.24 -3.07
N ASP A 33 -39.74 2.88 1.49
CA ASP A 33 -40.55 2.08 2.42
C ASP A 33 -39.67 1.11 3.19
N TRP A 34 -39.29 1.50 4.40
CA TRP A 34 -38.39 0.71 5.24
C TRP A 34 -39.14 -0.36 6.05
N THR A 35 -39.58 -1.40 5.34
CA THR A 35 -40.21 -2.56 5.96
C THR A 35 -39.14 -3.40 6.66
N ASP A 36 -39.57 -4.41 7.40
CA ASP A 36 -38.63 -5.32 8.06
C ASP A 36 -37.70 -6.00 7.06
N GLU A 37 -38.19 -6.28 5.85
CA GLU A 37 -37.36 -6.90 4.81
C GLU A 37 -36.30 -5.93 4.30
N ALA A 38 -36.73 -4.73 3.91
CA ALA A 38 -35.80 -3.68 3.46
C ALA A 38 -34.83 -3.31 4.57
N ILE A 39 -35.31 -3.25 5.80
CA ILE A 39 -34.47 -3.00 6.98
C ILE A 39 -33.40 -4.08 7.12
N GLU A 40 -33.81 -5.35 6.99
CA GLU A 40 -32.87 -6.47 7.12
C GLU A 40 -31.86 -6.47 5.97
N LYS A 41 -32.32 -6.10 4.77
CA LYS A 41 -31.42 -5.94 3.63
C LYS A 41 -30.46 -4.77 3.82
N GLY A 42 -30.93 -3.71 4.48
CA GLY A 42 -30.11 -2.54 4.78
C GLY A 42 -30.11 -1.49 3.68
N TYR A 43 -30.97 -1.66 2.68
CA TYR A 43 -31.11 -0.68 1.61
C TYR A 43 -32.48 -0.74 0.97
N ALA A 44 -32.79 0.29 0.19
CA ALA A 44 -34.01 0.33 -0.61
C ALA A 44 -33.74 1.20 -1.83
N ALA A 45 -33.97 0.64 -3.02
CA ALA A 45 -33.64 1.31 -4.27
C ALA A 45 -34.90 1.71 -5.05
N ALA A 46 -34.76 2.75 -5.87
CA ALA A 46 -35.83 3.19 -6.75
C ALA A 46 -35.28 4.15 -7.81
N ASP A 47 -35.69 3.94 -9.07
N ASP A 47 -35.64 3.90 -9.08
CA ASP A 47 -35.23 4.75 -10.20
CA ASP A 47 -35.24 4.72 -10.23
C ASP A 47 -33.71 4.72 -10.32
C ASP A 47 -34.06 5.66 -10.02
N GLY A 48 -33.09 5.87 -10.08
N GLY A 48 -32.85 5.12 -10.09
CA GLY A 48 -31.64 5.96 -10.06
CA GLY A 48 -31.63 5.92 -10.06
C GLY A 48 -31.14 6.39 -8.69
C GLY A 48 -31.17 6.40 -8.70
N ALA A 49 -31.76 5.87 -7.64
CA ALA A 49 -31.41 6.25 -6.26
C ALA A 49 -31.40 5.04 -5.33
N ILE A 50 -30.46 5.04 -4.39
CA ILE A 50 -30.37 4.01 -3.37
C ILE A 50 -30.33 4.68 -1.99
N SER A 51 -31.27 4.30 -1.11
CA SER A 51 -31.23 4.73 0.27
C SER A 51 -30.64 3.62 1.11
N PHE A 52 -29.69 3.98 1.97
CA PHE A 52 -29.07 3.04 2.87
C PHE A 52 -29.59 3.25 4.29
N GLU A 53 -29.82 2.15 5.00
CA GLU A 53 -30.27 2.21 6.38
C GLU A 53 -29.11 2.63 7.28
N ALA A 54 -29.40 3.51 8.22
CA ALA A 54 -28.44 3.93 9.23
C ALA A 54 -28.89 3.42 10.59
N GLN A 55 -27.94 3.18 11.48
CA GLN A 55 -28.24 2.60 12.79
C GLN A 55 -29.00 3.56 13.70
N ARG A 56 -28.66 4.84 13.63
CA ARG A 56 -29.30 5.84 14.48
C ARG A 56 -29.24 7.24 13.87
N ASN A 57 -30.04 8.14 14.42
CA ASN A 57 -30.07 9.53 14.01
C ASN A 57 -29.03 10.31 14.80
N THR A 58 -27.97 10.73 14.12
CA THR A 58 -26.84 11.37 14.76
C THR A 58 -25.99 12.09 13.71
N LYS A 59 -25.01 12.86 14.17
CA LYS A 59 -24.03 13.45 13.26
C LYS A 59 -23.03 12.38 12.85
N ALA A 60 -23.20 11.85 11.64
CA ALA A 60 -22.37 10.78 11.12
C ALA A 60 -21.39 11.31 10.09
N PHE A 61 -20.40 10.49 9.75
CA PHE A 61 -19.44 10.83 8.70
C PHE A 61 -19.63 9.91 7.50
N ILE A 62 -19.65 10.51 6.32
CA ILE A 62 -19.72 9.77 5.06
C ILE A 62 -18.34 9.75 4.42
N LEU A 63 -17.78 8.56 4.23
CA LEU A 63 -16.51 8.39 3.52
C LEU A 63 -16.77 7.80 2.14
N PHE A 64 -16.75 8.64 1.12
CA PHE A 64 -16.97 8.17 -0.24
C PHE A 64 -15.65 7.82 -0.91
N ARG A 65 -15.63 6.71 -1.63
CA ARG A 65 -14.43 6.23 -2.33
C ARG A 65 -14.77 5.72 -3.72
N LEU A 66 -13.81 5.84 -4.63
CA LEU A 66 -13.92 5.29 -5.98
C LEU A 66 -12.79 4.28 -6.21
N ASN A 67 -13.17 3.02 -6.45
CA ASN A 67 -12.23 1.93 -6.73
C ASN A 67 -11.14 1.76 -5.66
N SER A 68 -11.56 1.82 -4.40
CA SER A 68 -10.65 1.61 -3.29
C SER A 68 -10.37 0.12 -3.12
N SER A 69 -9.12 -0.22 -2.82
CA SER A 69 -8.74 -1.59 -2.49
C SER A 69 -8.40 -1.72 -1.00
N GLU A 70 -8.55 -0.63 -0.25
CA GLU A 70 -8.35 -0.66 1.19
C GLU A 70 -9.45 -1.50 1.84
N THR A 71 -9.04 -2.56 2.54
CA THR A 71 -10.00 -3.42 3.23
C THR A 71 -10.63 -2.66 4.38
N VAL A 72 -11.86 -3.05 4.73
CA VAL A 72 -12.57 -2.47 5.86
C VAL A 72 -12.60 -3.52 6.96
N ASN A 73 -11.76 -3.32 7.97
CA ASN A 73 -11.53 -4.33 9.00
C ASN A 73 -12.57 -4.31 10.12
N SER A 74 -13.35 -3.24 10.21
CA SER A 74 -14.37 -3.11 11.26
C SER A 74 -15.69 -2.59 10.70
N TYR A 75 -16.75 -3.40 10.82
CA TYR A 75 -18.09 -2.98 10.42
C TYR A 75 -19.16 -3.92 10.99
N GLU A 76 -20.39 -3.43 11.05
CA GLU A 76 -21.53 -4.22 11.53
C GLU A 76 -22.54 -4.53 10.42
N LYS A 77 -22.33 -3.97 9.24
CA LYS A 77 -23.19 -4.22 8.09
C LYS A 77 -22.45 -3.91 6.79
N LYS A 78 -22.59 -4.81 5.82
CA LYS A 78 -22.05 -4.61 4.48
C LYS A 78 -23.16 -4.82 3.47
N VAL A 79 -23.39 -3.82 2.62
CA VAL A 79 -24.42 -3.89 1.59
C VAL A 79 -23.78 -3.52 0.26
N THR A 80 -23.92 -4.39 -0.74
CA THR A 80 -23.40 -4.14 -2.08
C THR A 80 -24.56 -4.14 -3.09
N VAL A 81 -24.70 -3.03 -3.81
CA VAL A 81 -25.83 -2.82 -4.72
C VAL A 81 -25.37 -2.29 -6.07
N PRO A 82 -25.95 -2.80 -7.17
CA PRO A 82 -25.70 -2.20 -8.48
C PRO A 82 -26.21 -0.76 -8.54
N PHE A 83 -25.45 0.12 -9.19
CA PHE A 83 -25.80 1.53 -9.25
C PHE A 83 -25.30 2.16 -10.55
N HIS A 84 -26.23 2.75 -11.30
CA HIS A 84 -25.91 3.40 -12.57
C HIS A 84 -25.93 4.91 -12.39
N VAL A 85 -24.87 5.56 -12.85
CA VAL A 85 -24.77 7.01 -12.82
C VAL A 85 -25.17 7.56 -14.19
N THR A 86 -26.29 8.28 -14.24
CA THR A 86 -26.82 8.77 -15.50
C THR A 86 -26.01 9.94 -16.07
N GLU A 87 -25.65 10.87 -15.19
CA GLU A 87 -24.86 12.04 -15.58
C GLU A 87 -23.68 12.23 -14.61
N ASN A 88 -22.61 12.82 -15.10
CA ASN A 88 -21.38 12.96 -14.31
C ASN A 88 -21.61 13.70 -12.99
N GLY A 89 -21.78 12.94 -11.90
CA GLY A 89 -22.00 13.50 -10.57
C GLY A 89 -23.15 12.85 -9.82
N ILE A 90 -23.01 12.77 -8.50
CA ILE A 90 -24.07 12.25 -7.62
C ILE A 90 -24.20 13.11 -6.37
N HIS A 91 -25.28 12.88 -5.63
CA HIS A 91 -25.47 13.52 -4.33
C HIS A 91 -25.69 12.47 -3.25
N ILE A 92 -25.36 12.84 -2.01
CA ILE A 92 -25.72 12.05 -0.84
C ILE A 92 -26.37 12.99 0.16
N GLU A 93 -27.49 12.55 0.74
CA GLU A 93 -28.28 13.41 1.61
C GLU A 93 -29.23 12.60 2.48
N SER A 94 -29.46 13.09 3.70
CA SER A 94 -30.51 12.57 4.57
C SER A 94 -31.62 13.60 4.60
N ILE A 95 -32.68 13.34 5.36
CA ILE A 95 -33.84 14.21 5.37
C ILE A 95 -33.52 15.52 6.12
N MSE A 96 -33.57 16.62 5.37
CA MSE A 96 -33.28 17.99 5.88
C MSE A 96 -31.83 18.21 6.22
O MSE A 96 -31.49 19.18 6.90
CB MSE A 96 -34.15 18.38 7.07
CG MSE A 96 -35.64 18.24 6.79
SE MSE A 96 -36.29 19.78 5.75
CE MSE A 96 -37.71 18.78 4.85
N SER A 97 -30.93 17.33 5.76
CA SER A 97 -29.50 17.49 6.01
C SER A 97 -28.87 18.39 4.95
N LYS A 98 -27.58 18.63 5.09
CA LYS A 98 -26.80 19.25 4.01
C LYS A 98 -26.77 18.29 2.83
N ARG A 99 -26.69 18.86 1.62
CA ARG A 99 -26.56 18.06 0.41
C ARG A 99 -25.08 17.88 0.08
N LEU A 100 -24.62 16.64 0.11
CA LEU A 100 -23.25 16.31 -0.29
C LEU A 100 -23.21 16.08 -1.79
N SER A 101 -22.05 16.35 -2.39
CA SER A 101 -21.86 16.14 -3.83
C SER A 101 -20.53 15.45 -4.08
N PHE A 102 -20.52 14.52 -5.04
CA PHE A 102 -19.33 13.76 -5.39
C PHE A 102 -19.23 13.63 -6.91
N ASP A 103 -18.09 14.04 -7.45
CA ASP A 103 -17.85 14.00 -8.89
C ASP A 103 -17.56 12.56 -9.35
N LEU A 104 -18.63 11.80 -9.57
CA LEU A 104 -18.52 10.43 -10.04
C LEU A 104 -18.90 10.38 -11.52
N PRO A 105 -18.04 9.78 -12.37
CA PRO A 105 -18.36 9.71 -13.80
C PRO A 105 -19.59 8.87 -14.13
N LYS A 106 -20.08 9.02 -15.37
CA LYS A 106 -21.19 8.22 -15.87
C LYS A 106 -20.76 6.76 -15.98
N GLY A 107 -21.70 5.84 -15.76
CA GLY A 107 -21.43 4.42 -15.90
C GLY A 107 -22.03 3.57 -14.80
N ASP A 108 -21.76 2.27 -14.88
CA ASP A 108 -22.27 1.31 -13.91
C ASP A 108 -21.24 1.05 -12.82
N TYR A 109 -21.72 0.81 -11.61
CA TYR A 109 -20.86 0.55 -10.46
C TYR A 109 -21.45 -0.53 -9.57
N GLN A 110 -20.58 -1.14 -8.76
CA GLN A 110 -21.02 -1.94 -7.61
C GLN A 110 -20.79 -1.09 -6.38
N LEU A 111 -21.88 -0.48 -5.89
CA LEU A 111 -21.82 0.43 -4.75
C LEU A 111 -21.93 -0.36 -3.45
N THR A 112 -20.88 -0.30 -2.64
CA THR A 112 -20.86 -0.99 -1.35
C THR A 112 -20.88 0.03 -0.21
N CYS A 113 -21.70 -0.26 0.81
CA CYS A 113 -21.79 0.59 1.99
C CYS A 113 -21.48 -0.22 3.25
N TRP A 114 -20.42 0.18 3.96
CA TRP A 114 -20.07 -0.43 5.24
C TRP A 114 -20.56 0.46 6.37
N THR A 115 -21.26 -0.13 7.33
CA THR A 115 -21.68 0.57 8.53
C THR A 115 -20.63 0.39 9.63
N VAL A 116 -19.98 1.49 10.02
CA VAL A 116 -18.94 1.47 11.05
C VAL A 116 -19.40 2.35 12.23
N PRO A 117 -19.98 1.72 13.27
CA PRO A 117 -20.45 2.51 14.42
C PRO A 117 -19.33 3.27 15.13
N ALA A 118 -19.70 4.34 15.83
CA ALA A 118 -18.74 5.21 16.52
C ALA A 118 -17.68 4.45 17.30
N GLU A 119 -18.15 3.41 18.01
CA GLU A 119 -17.29 2.55 18.83
C GLU A 119 -16.17 1.86 18.05
N MSE A 120 -16.38 1.64 16.75
CA MSE A 120 -15.37 1.02 15.88
C MSE A 120 -14.64 2.00 14.99
O MSE A 120 -13.64 1.65 14.37
CB MSE A 120 -16.05 0.04 14.93
CG MSE A 120 -16.49 -1.23 15.63
SE MSE A 120 -17.47 -2.32 14.31
CE MSE A 120 -17.79 -3.89 15.45
N SER A 121 -15.15 3.23 14.89
CA SER A 121 -14.59 4.22 13.98
C SER A 121 -13.50 5.05 14.65
N ASP A 122 -12.44 5.33 13.90
CA ASP A 122 -11.37 6.22 14.38
C ASP A 122 -11.77 7.70 14.30
N LEU A 123 -12.93 7.96 13.70
CA LEU A 123 -13.55 9.29 13.73
C LEU A 123 -14.45 9.45 14.97
N HIS A 124 -14.68 8.34 15.67
CA HIS A 124 -15.41 8.34 16.95
C HIS A 124 -16.84 8.86 16.80
N ALA A 125 -17.43 8.56 15.65
CA ALA A 125 -18.82 8.85 15.35
C ALA A 125 -19.26 7.84 14.30
N ASP A 126 -20.55 7.56 14.23
CA ASP A 126 -21.05 6.60 13.25
C ASP A 126 -20.53 6.97 11.87
N THR A 127 -19.87 6.01 11.22
CA THR A 127 -19.19 6.25 9.97
C THR A 127 -19.73 5.30 8.90
N TYR A 128 -20.03 5.85 7.73
CA TYR A 128 -20.54 5.06 6.61
C TYR A 128 -19.58 5.18 5.43
N ILE A 129 -18.91 4.07 5.12
CA ILE A 129 -17.93 4.03 4.03
C ILE A 129 -18.64 3.56 2.78
N ILE A 130 -18.54 4.34 1.72
CA ILE A 130 -19.22 4.07 0.46
C ILE A 130 -18.20 3.96 -0.67
N ASP A 131 -18.01 2.74 -1.19
CA ASP A 131 -17.06 2.49 -2.27
C ASP A 131 -17.79 2.17 -3.57
N ALA A 132 -17.61 3.05 -4.56
CA ALA A 132 -18.11 2.81 -5.90
C ALA A 132 -17.04 2.10 -6.71
N VAL A 133 -17.29 0.84 -7.05
CA VAL A 133 -16.37 0.05 -7.88
C VAL A 133 -16.88 0.01 -9.31
N SER A 134 -16.03 0.44 -10.25
CA SER A 134 -16.42 0.55 -11.66
C SER A 134 -16.73 -0.80 -12.30
N VAL A 135 -17.82 -0.86 -13.06
CA VAL A 135 -18.21 -2.05 -13.81
C VAL A 135 -18.77 -1.64 -15.17
N MSE B 4 16.69 -19.47 23.22
CA MSE B 4 15.96 -20.78 23.29
C MSE B 4 15.07 -20.90 22.08
O MSE B 4 14.11 -20.14 21.92
CB MSE B 4 15.15 -20.87 24.57
CG MSE B 4 16.05 -20.73 25.81
SE MSE B 4 15.36 -21.83 27.29
CE MSE B 4 16.92 -21.71 28.48
N ILE B 5 15.36 -21.89 21.23
CA ILE B 5 14.63 -22.09 19.97
C ILE B 5 13.41 -22.99 20.21
N LYS B 6 12.32 -22.69 19.53
CA LYS B 6 11.08 -23.46 19.66
C LYS B 6 10.17 -23.25 18.45
N SER B 7 9.52 -24.32 18.01
CA SER B 7 8.53 -24.25 16.93
C SER B 7 7.30 -25.06 17.32
N TRP B 8 6.12 -24.44 17.20
CA TRP B 8 4.86 -25.06 17.58
C TRP B 8 4.23 -25.75 16.37
N LYS B 9 3.37 -26.73 16.63
CA LYS B 9 2.62 -27.40 15.57
C LYS B 9 1.65 -26.40 14.93
N PRO B 10 1.34 -26.58 13.64
CA PRO B 10 0.40 -25.67 12.98
C PRO B 10 -0.98 -25.67 13.64
N GLN B 11 -1.57 -24.49 13.81
CA GLN B 11 -2.85 -24.33 14.48
C GLN B 11 -3.88 -23.73 13.52
N GLU B 12 -5.00 -24.43 13.36
CA GLU B 12 -6.09 -23.96 12.49
C GLU B 12 -6.81 -22.77 13.12
N LEU B 13 -7.09 -21.75 12.31
CA LEU B 13 -7.77 -20.55 12.77
C LEU B 13 -8.69 -20.00 11.69
N SER B 14 -9.94 -19.73 12.07
CA SER B 14 -10.93 -19.15 11.16
C SER B 14 -10.76 -17.63 11.12
N ILE B 15 -10.28 -17.10 10.01
CA ILE B 15 -10.02 -15.67 9.87
C ILE B 15 -11.28 -14.95 9.39
N SER B 16 -11.63 -13.86 10.08
CA SER B 16 -12.73 -13.00 9.66
C SER B 16 -12.27 -11.55 9.66
N TYR B 17 -12.95 -10.72 8.88
CA TYR B 17 -12.67 -9.29 8.78
C TYR B 17 -11.21 -8.98 8.44
N HIS B 18 -10.61 -9.84 7.60
CA HIS B 18 -9.25 -9.65 7.10
C HIS B 18 -8.23 -9.32 8.19
N GLN B 19 -8.31 -10.02 9.31
CA GLN B 19 -7.41 -9.76 10.43
C GLN B 19 -7.29 -10.92 11.42
N PHE B 20 -6.18 -10.90 12.16
CA PHE B 20 -6.04 -11.67 13.39
C PHE B 20 -5.09 -10.91 14.31
N THR B 21 -5.23 -11.11 15.62
CA THR B 21 -4.53 -10.32 16.61
C THR B 21 -3.66 -11.16 17.53
N VAL B 22 -2.43 -10.71 17.75
CA VAL B 22 -1.54 -11.28 18.76
C VAL B 22 -1.58 -10.38 19.99
N PHE B 23 -1.90 -10.95 21.15
CA PHE B 23 -2.07 -10.15 22.38
C PHE B 23 -1.66 -10.91 23.64
N GLN B 24 -1.67 -10.19 24.77
CA GLN B 24 -1.14 -10.72 26.04
C GLN B 24 -2.09 -11.74 26.65
N LYS B 25 -1.54 -12.58 27.52
CA LYS B 25 -2.26 -13.71 28.12
C LYS B 25 -3.49 -13.29 28.94
N ASP B 26 -3.31 -12.35 29.87
CA ASP B 26 -4.38 -11.94 30.78
C ASP B 26 -4.91 -10.54 30.42
N SER B 27 -5.19 -10.33 29.13
CA SER B 27 -5.71 -9.06 28.65
C SER B 27 -6.67 -9.25 27.49
N THR B 28 -7.69 -8.41 27.45
CA THR B 28 -8.58 -8.33 26.29
C THR B 28 -8.04 -7.25 25.35
N PRO B 29 -7.86 -7.59 24.06
CA PRO B 29 -7.20 -6.64 23.14
C PRO B 29 -8.04 -5.39 22.88
N PRO B 30 -7.38 -4.22 22.72
CA PRO B 30 -8.09 -2.96 22.54
C PRO B 30 -8.66 -2.80 21.12
N VAL B 31 -9.46 -1.77 20.93
CA VAL B 31 -9.99 -1.42 19.62
C VAL B 31 -8.85 -0.82 18.80
N MSE B 32 -8.66 -1.33 17.59
CA MSE B 32 -7.56 -0.88 16.74
C MSE B 32 -7.96 0.28 15.88
O MSE B 32 -9.12 0.41 15.48
CB MSE B 32 -7.07 -2.00 15.83
CG MSE B 32 -6.42 -3.14 16.62
SE MSE B 32 -4.78 -2.53 17.52
CE MSE B 32 -4.34 -4.20 18.48
N ASP B 33 -6.99 1.16 15.60
CA ASP B 33 -7.20 2.31 14.74
C ASP B 33 -6.71 1.94 13.34
N TRP B 34 -7.63 1.49 12.49
CA TRP B 34 -7.29 1.09 11.13
C TRP B 34 -7.24 2.29 10.20
N THR B 35 -6.13 3.03 10.29
CA THR B 35 -5.89 4.18 9.41
C THR B 35 -5.44 3.68 8.04
N ASP B 36 -5.45 4.59 7.06
CA ASP B 36 -4.93 4.28 5.73
C ASP B 36 -3.51 3.72 5.81
N GLU B 37 -2.69 4.37 6.63
CA GLU B 37 -1.30 3.96 6.83
C GLU B 37 -1.19 2.56 7.45
N ALA B 38 -1.94 2.32 8.52
CA ALA B 38 -1.97 1.01 9.17
C ALA B 38 -2.34 -0.11 8.20
N ILE B 39 -3.35 0.14 7.38
CA ILE B 39 -3.80 -0.80 6.36
C ILE B 39 -2.70 -1.02 5.32
N GLU B 40 -2.07 0.07 4.89
CA GLU B 40 -0.97 0.01 3.91
C GLU B 40 0.23 -0.75 4.44
N LYS B 41 0.58 -0.50 5.70
CA LYS B 41 1.70 -1.20 6.36
C LYS B 41 1.38 -2.66 6.65
N GLY B 42 0.10 -2.99 6.72
CA GLY B 42 -0.34 -4.38 6.91
C GLY B 42 -0.52 -4.79 8.36
N TYR B 43 -0.53 -3.82 9.28
CA TYR B 43 -0.78 -4.11 10.69
C TYR B 43 -1.21 -2.87 11.47
N ALA B 44 -1.87 -3.11 12.61
CA ALA B 44 -2.22 -2.05 13.55
C ALA B 44 -1.80 -2.47 14.95
N ALA B 45 -1.17 -1.56 15.69
CA ALA B 45 -0.65 -1.86 17.02
C ALA B 45 -1.23 -0.90 18.05
N ALA B 46 -1.52 -1.44 19.24
CA ALA B 46 -2.02 -0.64 20.36
C ALA B 46 -1.88 -1.40 21.67
N ASP B 47 -1.57 -0.68 22.76
N ASP B 47 -1.64 -0.65 22.75
CA ASP B 47 -1.56 -1.22 24.12
CA ASP B 47 -1.38 -1.20 24.09
C ASP B 47 -1.33 -2.73 24.25
C ASP B 47 -0.30 -2.26 24.05
N GLY B 48 -0.15 -3.19 23.82
N GLY B 48 -0.71 -3.51 24.19
CA GLY B 48 0.27 -4.58 24.03
CA GLY B 48 0.22 -4.63 24.07
C GLY B 48 -0.34 -5.61 23.09
C GLY B 48 -0.30 -5.66 23.08
N ALA B 49 -0.72 -5.19 21.90
CA ALA B 49 -1.29 -6.08 20.89
C ALA B 49 -1.02 -5.60 19.48
N ILE B 50 -0.95 -6.55 18.55
CA ILE B 50 -0.76 -6.24 17.13
C ILE B 50 -1.79 -7.02 16.32
N SER B 51 -2.58 -6.30 15.52
CA SER B 51 -3.51 -6.91 14.58
C SER B 51 -2.88 -6.91 13.18
N PHE B 52 -2.69 -8.09 12.62
CA PHE B 52 -2.12 -8.22 11.28
C PHE B 52 -3.22 -8.31 10.23
N GLU B 53 -3.04 -7.60 9.12
CA GLU B 53 -3.91 -7.76 7.95
C GLU B 53 -3.75 -9.16 7.38
N ALA B 54 -4.89 -9.81 7.10
CA ALA B 54 -4.91 -11.13 6.47
C ALA B 54 -5.49 -11.00 5.07
N GLN B 55 -5.03 -11.85 4.17
CA GLN B 55 -5.37 -11.76 2.75
C GLN B 55 -6.84 -12.14 2.50
N ARG B 56 -7.26 -13.28 3.03
CA ARG B 56 -8.59 -13.82 2.78
C ARG B 56 -9.25 -14.30 4.08
N ASN B 57 -10.59 -14.24 4.10
CA ASN B 57 -11.36 -14.75 5.23
C ASN B 57 -11.65 -16.23 5.01
N THR B 58 -10.89 -17.07 5.71
CA THR B 58 -10.98 -18.51 5.56
C THR B 58 -10.29 -19.20 6.73
N LYS B 59 -10.47 -20.52 6.83
CA LYS B 59 -9.74 -21.30 7.82
C LYS B 59 -8.28 -21.39 7.40
N ALA B 60 -7.40 -20.70 8.13
CA ALA B 60 -5.99 -20.64 7.82
C ALA B 60 -5.17 -21.31 8.92
N PHE B 61 -3.91 -21.59 8.64
CA PHE B 61 -2.99 -22.13 9.64
C PHE B 61 -2.06 -21.05 10.18
N ILE B 62 -1.95 -21.00 11.51
CA ILE B 62 -0.94 -20.17 12.17
C ILE B 62 0.26 -21.06 12.48
N LEU B 63 1.43 -20.66 12.01
CA LEU B 63 2.66 -21.40 12.21
C LEU B 63 3.61 -20.55 13.04
N PHE B 64 3.49 -20.65 14.36
CA PHE B 64 4.24 -19.79 15.27
C PHE B 64 5.62 -20.38 15.55
N ARG B 65 6.63 -19.52 15.56
CA ARG B 65 8.02 -19.92 15.78
C ARG B 65 8.74 -18.95 16.71
N LEU B 66 9.71 -19.48 17.44
CA LEU B 66 10.55 -18.70 18.35
C LEU B 66 12.01 -18.87 17.96
N ASN B 67 12.62 -17.79 17.46
CA ASN B 67 14.02 -17.80 17.03
C ASN B 67 14.30 -18.90 16.01
N SER B 68 13.51 -18.91 14.93
CA SER B 68 13.62 -19.94 13.90
C SER B 68 14.90 -19.78 13.09
N SER B 69 15.60 -20.89 12.89
CA SER B 69 16.77 -20.93 12.01
C SER B 69 16.33 -21.01 10.54
N GLU B 70 15.10 -21.46 10.31
CA GLU B 70 14.56 -21.64 8.96
C GLU B 70 14.26 -20.29 8.31
N THR B 71 14.46 -20.22 7.00
CA THR B 71 14.19 -19.02 6.22
C THR B 71 12.90 -19.17 5.43
N VAL B 72 12.20 -18.07 5.22
CA VAL B 72 10.99 -18.05 4.39
C VAL B 72 11.36 -17.52 3.02
N ASN B 73 11.44 -18.42 2.04
CA ASN B 73 11.98 -18.10 0.73
C ASN B 73 11.06 -17.27 -0.14
N SER B 74 9.75 -17.45 0.04
CA SER B 74 8.76 -16.80 -0.80
C SER B 74 7.50 -16.47 0.00
N TYR B 75 6.80 -15.40 -0.40
CA TYR B 75 5.63 -14.93 0.33
C TYR B 75 4.79 -13.93 -0.47
N GLU B 76 3.58 -13.69 0.01
CA GLU B 76 2.67 -12.72 -0.59
C GLU B 76 2.80 -11.37 0.12
N LYS B 77 3.01 -11.41 1.43
CA LYS B 77 3.29 -10.21 2.21
C LYS B 77 4.23 -10.56 3.37
N LYS B 78 5.04 -9.58 3.78
CA LYS B 78 5.99 -9.73 4.87
C LYS B 78 5.93 -8.47 5.73
N VAL B 79 5.67 -8.64 7.02
CA VAL B 79 5.49 -7.53 7.95
C VAL B 79 6.31 -7.79 9.20
N THR B 80 7.05 -6.79 9.66
CA THR B 80 7.89 -6.91 10.86
C THR B 80 7.55 -5.81 11.86
N VAL B 81 7.28 -6.21 13.10
CA VAL B 81 6.81 -5.29 14.15
C VAL B 81 7.44 -5.64 15.49
N PRO B 82 7.87 -4.62 16.27
CA PRO B 82 8.36 -4.89 17.62
C PRO B 82 7.21 -5.28 18.56
N PHE B 83 7.49 -6.16 19.52
CA PHE B 83 6.45 -6.69 20.38
C PHE B 83 6.98 -7.05 21.77
N HIS B 84 6.39 -6.44 22.79
CA HIS B 84 6.73 -6.74 24.18
C HIS B 84 5.74 -7.74 24.78
N VAL B 85 6.27 -8.72 25.51
CA VAL B 85 5.46 -9.75 26.16
C VAL B 85 5.57 -9.57 27.68
N THR B 86 4.45 -9.24 28.33
CA THR B 86 4.43 -8.90 29.75
C THR B 86 4.42 -10.13 30.66
N GLU B 87 3.65 -11.15 30.27
CA GLU B 87 3.56 -12.40 31.03
C GLU B 87 3.95 -13.58 30.14
N ASN B 88 4.30 -14.70 30.76
CA ASN B 88 4.59 -15.92 30.03
C ASN B 88 3.34 -16.40 29.28
N GLY B 89 3.36 -16.24 27.96
CA GLY B 89 2.27 -16.70 27.11
C GLY B 89 1.60 -15.57 26.35
N ILE B 90 1.14 -15.88 25.15
CA ILE B 90 0.38 -14.93 24.33
C ILE B 90 -0.84 -15.62 23.77
N HIS B 91 -1.76 -14.82 23.23
CA HIS B 91 -2.92 -15.35 22.53
C HIS B 91 -2.90 -14.87 21.09
N ILE B 92 -3.43 -15.70 20.20
CA ILE B 92 -3.70 -15.29 18.83
C ILE B 92 -5.16 -15.64 18.52
N GLU B 93 -5.87 -14.68 17.92
CA GLU B 93 -7.32 -14.82 17.71
C GLU B 93 -7.80 -13.86 16.63
N SER B 94 -8.82 -14.29 15.88
CA SER B 94 -9.52 -13.42 14.94
C SER B 94 -10.91 -13.14 15.49
N ILE B 95 -11.72 -12.40 14.74
CA ILE B 95 -13.04 -12.00 15.22
C ILE B 95 -13.99 -13.21 15.28
N MSE B 96 -14.37 -13.59 16.49
CA MSE B 96 -15.28 -14.71 16.75
C MSE B 96 -14.67 -16.06 16.47
O MSE B 96 -15.40 -17.04 16.27
CB MSE B 96 -16.62 -14.56 16.00
CG MSE B 96 -17.30 -13.23 16.28
SE MSE B 96 -18.27 -13.35 17.99
CE MSE B 96 -19.53 -11.87 17.69
N SER B 97 -13.34 -16.13 16.45
CA SER B 97 -12.64 -17.41 16.26
C SER B 97 -12.31 -18.03 17.60
N LYS B 98 -11.74 -19.22 17.59
CA LYS B 98 -11.23 -19.81 18.83
C LYS B 98 -9.95 -19.09 19.23
N ARG B 99 -9.66 -19.10 20.52
CA ARG B 99 -8.48 -18.42 21.06
C ARG B 99 -7.31 -19.40 21.11
N LEU B 100 -6.25 -19.10 20.37
CA LEU B 100 -5.03 -19.89 20.39
C LEU B 100 -4.12 -19.39 21.51
N SER B 101 -3.32 -20.29 22.07
CA SER B 101 -2.37 -19.95 23.12
C SER B 101 -0.97 -20.52 22.81
N PHE B 102 0.05 -19.72 23.07
CA PHE B 102 1.45 -20.13 22.87
C PHE B 102 2.27 -19.64 24.06
N ASP B 103 3.00 -20.55 24.71
CA ASP B 103 3.82 -20.20 25.88
C ASP B 103 5.10 -19.46 25.48
N LEU B 104 4.95 -18.26 24.97
CA LEU B 104 6.08 -17.41 24.59
C LEU B 104 6.61 -16.74 25.85
N PRO B 105 7.92 -16.89 26.14
CA PRO B 105 8.49 -16.26 27.33
C PRO B 105 8.36 -14.73 27.38
N LYS B 106 8.40 -14.18 28.58
CA LYS B 106 8.39 -12.73 28.78
C LYS B 106 9.61 -12.10 28.12
N GLY B 107 9.45 -10.86 27.66
CA GLY B 107 10.56 -10.11 27.07
C GLY B 107 10.16 -9.31 25.85
N ASP B 108 11.16 -8.94 25.05
CA ASP B 108 10.97 -8.12 23.87
C ASP B 108 11.33 -8.92 22.63
N TYR B 109 10.54 -8.75 21.57
CA TYR B 109 10.73 -9.48 20.33
C TYR B 109 10.54 -8.59 19.12
N GLN B 110 11.05 -9.06 17.98
CA GLN B 110 10.67 -8.54 16.68
C GLN B 110 9.79 -9.60 16.05
N LEU B 111 8.50 -9.29 15.87
CA LEU B 111 7.55 -10.21 15.25
C LEU B 111 7.52 -9.99 13.75
N THR B 112 7.92 -11.01 13.00
CA THR B 112 7.78 -11.01 11.55
C THR B 112 6.65 -11.95 11.15
N CYS B 113 5.68 -11.43 10.40
CA CYS B 113 4.56 -12.23 9.90
C CYS B 113 4.62 -12.36 8.39
N TRP B 114 4.81 -13.59 7.90
CA TRP B 114 4.77 -13.89 6.47
C TRP B 114 3.39 -14.42 6.09
N THR B 115 2.75 -13.78 5.11
CA THR B 115 1.53 -14.31 4.53
C THR B 115 1.93 -15.28 3.41
N VAL B 116 1.54 -16.54 3.57
CA VAL B 116 1.88 -17.61 2.63
C VAL B 116 0.60 -18.31 2.16
N PRO B 117 0.04 -17.87 1.02
CA PRO B 117 -1.21 -18.45 0.49
C PRO B 117 -1.16 -19.96 0.28
N ALA B 118 -2.33 -20.58 0.25
CA ALA B 118 -2.46 -22.03 0.08
C ALA B 118 -1.64 -22.54 -1.11
N GLU B 119 -1.70 -21.78 -2.20
CA GLU B 119 -0.91 -22.05 -3.41
C GLU B 119 0.57 -22.28 -3.11
N MSE B 120 1.13 -21.47 -2.20
CA MSE B 120 2.55 -21.56 -1.84
C MSE B 120 2.82 -22.49 -0.70
O MSE B 120 3.92 -23.06 -0.60
CB MSE B 120 3.04 -20.20 -1.36
CG MSE B 120 2.91 -19.12 -2.40
SE MSE B 120 3.78 -17.51 -1.69
CE MSE B 120 2.72 -16.19 -2.70
N SER B 121 1.84 -22.65 0.20
CA SER B 121 2.08 -23.33 1.47
C SER B 121 2.22 -24.84 1.35
N ASP B 122 3.12 -25.40 2.14
CA ASP B 122 3.29 -26.85 2.24
C ASP B 122 2.08 -27.51 2.91
N LEU B 123 1.36 -26.73 3.71
CA LEU B 123 0.15 -27.21 4.39
C LEU B 123 -1.09 -27.18 3.49
N HIS B 124 -0.94 -26.67 2.26
CA HIS B 124 -2.02 -26.63 1.27
C HIS B 124 -3.24 -25.86 1.75
N ALA B 125 -2.96 -24.75 2.45
CA ALA B 125 -4.00 -23.86 2.95
C ALA B 125 -3.33 -22.54 3.35
N ASP B 126 -4.09 -21.45 3.32
CA ASP B 126 -3.54 -20.15 3.71
C ASP B 126 -2.78 -20.28 5.03
N THR B 127 -1.51 -19.88 5.01
CA THR B 127 -0.62 -20.07 6.14
C THR B 127 0.00 -18.74 6.54
N TYR B 128 -0.04 -18.44 7.84
CA TYR B 128 0.60 -17.25 8.37
C TYR B 128 1.72 -17.67 9.31
N ILE B 129 2.96 -17.49 8.84
CA ILE B 129 4.14 -17.84 9.62
C ILE B 129 4.53 -16.64 10.48
N ILE B 130 4.55 -16.83 11.79
CA ILE B 130 4.94 -15.78 12.72
C ILE B 130 6.18 -16.22 13.47
N ASP B 131 7.30 -15.56 13.22
CA ASP B 131 8.56 -15.83 13.92
C ASP B 131 8.83 -14.73 14.93
N ALA B 132 8.90 -15.11 16.20
CA ALA B 132 9.25 -14.20 17.28
C ALA B 132 10.74 -14.31 17.56
N VAL B 133 11.49 -13.29 17.14
CA VAL B 133 12.94 -13.28 17.31
C VAL B 133 13.32 -12.50 18.57
N SER B 134 13.99 -13.17 19.50
CA SER B 134 14.43 -12.55 20.75
C SER B 134 15.39 -11.40 20.47
N VAL B 135 14.99 -10.19 20.84
CA VAL B 135 15.76 -8.99 20.57
C VAL B 135 17.00 -8.94 21.47
N MSE C 4 -2.36 -11.78 -8.76
CA MSE C 4 -1.46 -12.89 -8.31
C MSE C 4 -0.11 -12.32 -7.96
O MSE C 4 0.81 -12.28 -8.78
CB MSE C 4 -1.38 -13.92 -9.42
CG MSE C 4 -0.36 -15.04 -9.20
SE MSE C 4 -0.48 -15.81 -7.39
CE MSE C 4 1.28 -16.68 -7.34
N ILE C 5 0.03 -11.87 -6.71
CA ILE C 5 1.26 -11.23 -6.24
C ILE C 5 2.12 -12.24 -5.46
N LYS C 6 3.43 -12.16 -5.67
CA LYS C 6 4.37 -13.05 -5.01
C LYS C 6 5.74 -12.37 -4.94
N SER C 7 6.37 -12.42 -3.77
CA SER C 7 7.71 -11.85 -3.58
C SER C 7 8.66 -12.89 -3.02
N TRP C 8 9.95 -12.71 -3.29
CA TRP C 8 10.99 -13.63 -2.86
C TRP C 8 12.01 -12.94 -1.98
N LYS C 9 12.53 -13.69 -1.01
CA LYS C 9 13.64 -13.25 -0.18
C LYS C 9 14.82 -12.85 -1.07
N PRO C 10 15.53 -11.76 -0.73
CA PRO C 10 16.71 -11.42 -1.51
C PRO C 10 17.73 -12.56 -1.52
N GLN C 11 18.34 -12.81 -2.68
CA GLN C 11 19.31 -13.89 -2.83
C GLN C 11 20.66 -13.32 -3.25
N GLU C 12 21.69 -13.62 -2.46
CA GLU C 12 23.04 -13.20 -2.78
C GLU C 12 23.57 -13.98 -3.98
N LEU C 13 24.35 -13.31 -4.83
CA LEU C 13 24.88 -13.93 -6.04
C LEU C 13 26.19 -13.29 -6.46
N SER C 14 27.21 -14.11 -6.69
CA SER C 14 28.50 -13.62 -7.19
C SER C 14 28.39 -13.43 -8.70
N ILE C 15 28.51 -12.19 -9.14
CA ILE C 15 28.46 -11.87 -10.56
C ILE C 15 29.83 -12.06 -11.18
N SER C 16 29.88 -12.77 -12.31
CA SER C 16 31.09 -12.91 -13.09
C SER C 16 30.82 -12.48 -14.52
N TYR C 17 31.84 -11.93 -15.17
CA TYR C 17 31.76 -11.46 -16.56
C TYR C 17 30.57 -10.52 -16.80
N HIS C 18 30.31 -9.66 -15.83
CA HIS C 18 29.32 -8.58 -15.96
C HIS C 18 27.96 -9.03 -16.48
N GLN C 19 27.48 -10.19 -16.01
CA GLN C 19 26.19 -10.71 -16.44
C GLN C 19 25.58 -11.72 -15.47
N PHE C 20 24.27 -11.87 -15.56
CA PHE C 20 23.56 -12.99 -14.98
C PHE C 20 22.41 -13.34 -15.91
N THR C 21 21.94 -14.58 -15.85
CA THR C 21 21.04 -15.10 -16.86
C THR C 21 19.80 -15.75 -16.26
N VAL C 22 18.64 -15.36 -16.78
CA VAL C 22 17.36 -15.96 -16.42
C VAL C 22 17.01 -17.00 -17.49
N PHE C 23 16.74 -18.23 -17.07
CA PHE C 23 16.48 -19.31 -18.03
C PHE C 23 15.50 -20.36 -17.52
N GLN C 24 15.09 -21.24 -18.43
CA GLN C 24 14.06 -22.24 -18.14
C GLN C 24 14.58 -23.28 -17.15
N LYS C 25 13.65 -23.93 -16.45
CA LYS C 25 13.97 -24.91 -15.41
C LYS C 25 14.89 -26.02 -15.89
N ASP C 26 14.63 -26.54 -17.09
CA ASP C 26 15.38 -27.67 -17.64
C ASP C 26 16.08 -27.28 -18.94
N SER C 27 16.89 -26.23 -18.87
CA SER C 27 17.72 -25.81 -20.00
C SER C 27 19.11 -25.39 -19.52
N THR C 28 20.05 -25.31 -20.45
CA THR C 28 21.44 -24.95 -20.15
C THR C 28 21.87 -23.82 -21.11
N PRO C 29 21.77 -22.57 -20.66
CA PRO C 29 21.93 -21.42 -21.56
C PRO C 29 23.39 -21.07 -21.86
N PRO C 30 23.65 -20.57 -23.09
CA PRO C 30 25.01 -20.16 -23.44
C PRO C 30 25.36 -18.79 -22.89
N VAL C 31 26.62 -18.39 -23.06
CA VAL C 31 27.08 -17.05 -22.70
C VAL C 31 26.86 -16.15 -23.91
N MSE C 32 26.24 -14.99 -23.68
CA MSE C 32 25.77 -14.13 -24.77
C MSE C 32 26.85 -13.23 -25.28
O MSE C 32 27.81 -12.93 -24.57
CB MSE C 32 24.62 -13.26 -24.27
CG MSE C 32 23.44 -14.07 -23.71
SE MSE C 32 22.54 -15.10 -25.12
CE MSE C 32 21.36 -16.15 -23.94
N ASP C 33 26.68 -12.77 -26.53
CA ASP C 33 27.65 -11.87 -27.16
C ASP C 33 27.37 -10.43 -26.75
N TRP C 34 28.15 -9.94 -25.78
CA TRP C 34 27.98 -8.60 -25.24
C TRP C 34 28.76 -7.56 -26.06
N THR C 35 28.21 -7.24 -27.23
CA THR C 35 28.74 -6.17 -28.06
C THR C 35 28.31 -4.82 -27.47
N ASP C 36 28.88 -3.74 -28.00
CA ASP C 36 28.51 -2.39 -27.55
C ASP C 36 27.02 -2.11 -27.68
N GLU C 37 26.39 -2.69 -28.71
CA GLU C 37 24.94 -2.55 -28.90
C GLU C 37 24.18 -3.34 -27.83
N ALA C 38 24.56 -4.60 -27.63
CA ALA C 38 23.96 -5.43 -26.59
C ALA C 38 24.19 -4.85 -25.20
N ILE C 39 25.40 -4.33 -24.98
CA ILE C 39 25.73 -3.62 -23.73
C ILE C 39 24.82 -2.42 -23.54
N GLU C 40 24.64 -1.63 -24.60
CA GLU C 40 23.78 -0.45 -24.55
C GLU C 40 22.32 -0.82 -24.25
N LYS C 41 21.84 -1.88 -24.87
CA LYS C 41 20.47 -2.35 -24.61
C LYS C 41 20.32 -2.93 -23.21
N GLY C 42 21.40 -3.47 -22.67
CA GLY C 42 21.43 -3.98 -21.29
C GLY C 42 20.95 -5.42 -21.14
N TYR C 43 20.74 -6.10 -22.26
CA TYR C 43 20.35 -7.50 -22.23
C TYR C 43 20.72 -8.20 -23.54
N ALA C 44 20.71 -9.53 -23.51
CA ALA C 44 20.90 -10.35 -24.69
C ALA C 44 20.07 -11.61 -24.55
N ALA C 45 19.17 -11.84 -25.49
CA ALA C 45 18.25 -12.97 -25.42
C ALA C 45 18.58 -14.02 -26.48
N ALA C 46 18.24 -15.27 -26.19
CA ALA C 46 18.40 -16.37 -27.14
C ALA C 46 17.65 -17.60 -26.63
N ASP C 47 16.97 -18.29 -27.55
N ASP C 47 16.90 -18.26 -27.51
CA ASP C 47 16.21 -19.50 -27.26
CA ASP C 47 16.12 -19.47 -27.21
C ASP C 47 15.10 -19.20 -26.26
C ASP C 47 15.75 -19.68 -25.73
N GLY C 48 15.25 -19.68 -25.03
N GLY C 48 14.71 -18.99 -25.28
CA GLY C 48 14.31 -19.36 -23.97
CA GLY C 48 14.16 -19.20 -23.95
C GLY C 48 15.05 -18.81 -22.76
C GLY C 48 15.08 -18.85 -22.78
N ALA C 49 15.93 -17.85 -23.00
CA ALA C 49 16.79 -17.33 -21.93
C ALA C 49 17.17 -15.88 -22.19
N ILE C 50 17.23 -15.09 -21.11
CA ILE C 50 17.63 -13.70 -21.19
C ILE C 50 18.78 -13.46 -20.22
N SER C 51 19.88 -12.91 -20.73
CA SER C 51 20.99 -12.49 -19.88
C SER C 51 20.94 -10.98 -19.73
N PHE C 52 21.03 -10.50 -18.50
CA PHE C 52 21.06 -9.08 -18.21
C PHE C 52 22.48 -8.64 -17.89
N GLU C 53 22.83 -7.43 -18.32
CA GLU C 53 24.14 -6.86 -18.03
C GLU C 53 24.20 -6.39 -16.57
N ALA C 54 25.34 -6.64 -15.93
CA ALA C 54 25.60 -6.16 -14.59
C ALA C 54 26.75 -5.15 -14.64
N GLN C 55 26.70 -4.17 -13.74
CA GLN C 55 27.70 -3.11 -13.72
C GLN C 55 29.09 -3.58 -13.27
N ARG C 56 29.11 -4.45 -12.25
N ARG C 56 29.12 -4.44 -12.24
CA ARG C 56 30.36 -4.92 -11.67
CA ARG C 56 30.36 -4.91 -11.63
C ARG C 56 30.33 -6.41 -11.38
C ARG C 56 30.32 -6.42 -11.40
N ASN C 57 31.51 -7.00 -11.19
CA ASN C 57 31.63 -8.37 -10.75
C ASN C 57 31.79 -8.35 -9.23
N THR C 58 30.70 -8.62 -8.53
CA THR C 58 30.65 -8.47 -7.08
C THR C 58 29.57 -9.38 -6.51
N LYS C 59 29.53 -9.49 -5.18
CA LYS C 59 28.45 -10.19 -4.51
C LYS C 59 27.20 -9.31 -4.52
N ALA C 60 26.30 -9.58 -5.46
CA ALA C 60 25.09 -8.78 -5.66
C ALA C 60 23.88 -9.48 -5.07
N PHE C 61 22.77 -8.74 -4.97
CA PHE C 61 21.50 -9.29 -4.50
C PHE C 61 20.47 -9.30 -5.62
N ILE C 62 19.84 -10.45 -5.83
CA ILE C 62 18.76 -10.59 -6.80
C ILE C 62 17.42 -10.55 -6.06
N LEU C 63 16.58 -9.59 -6.41
CA LEU C 63 15.23 -9.46 -5.82
C LEU C 63 14.19 -9.81 -6.87
N PHE C 64 13.65 -11.02 -6.80
CA PHE C 64 12.67 -11.47 -7.78
C PHE C 64 11.26 -11.18 -7.31
N ARG C 65 10.41 -10.72 -8.24
CA ARG C 65 9.03 -10.36 -7.95
C ARG C 65 8.09 -10.82 -9.05
N LEU C 66 6.87 -11.16 -8.65
CA LEU C 66 5.80 -11.52 -9.59
C LEU C 66 4.66 -10.52 -9.43
N ASN C 67 4.36 -9.80 -10.52
CA ASN C 67 3.26 -8.83 -10.57
C ASN C 67 3.31 -7.79 -9.45
N SER C 68 4.49 -7.25 -9.21
CA SER C 68 4.64 -6.19 -8.22
C SER C 68 4.21 -4.86 -8.82
N SER C 69 3.46 -4.08 -8.05
CA SER C 69 3.12 -2.71 -8.40
C SER C 69 3.93 -1.74 -7.52
N GLU C 70 4.90 -2.28 -6.80
CA GLU C 70 5.72 -1.49 -5.88
C GLU C 70 6.72 -0.67 -6.70
N THR C 71 6.65 0.65 -6.53
CA THR C 71 7.46 1.58 -7.33
C THR C 71 8.95 1.39 -7.05
N VAL C 72 9.77 1.56 -8.10
CA VAL C 72 11.23 1.52 -7.96
C VAL C 72 11.77 2.94 -8.15
N ASN C 73 12.04 3.61 -7.03
CA ASN C 73 12.39 5.03 -7.03
C ASN C 73 13.87 5.33 -7.32
N SER C 74 14.73 4.31 -7.22
CA SER C 74 16.16 4.47 -7.45
C SER C 74 16.70 3.39 -8.38
N TYR C 75 17.25 3.82 -9.52
CA TYR C 75 17.93 2.90 -10.44
C TYR C 75 18.77 3.63 -11.48
N GLU C 76 19.76 2.94 -12.02
CA GLU C 76 20.61 3.48 -13.08
C GLU C 76 20.36 2.83 -14.43
N LYS C 77 19.50 1.81 -14.46
CA LYS C 77 19.14 1.15 -15.71
C LYS C 77 17.82 0.41 -15.55
N LYS C 78 16.93 0.56 -16.53
CA LYS C 78 15.69 -0.20 -16.60
C LYS C 78 15.62 -0.91 -17.94
N VAL C 79 15.44 -2.22 -17.91
CA VAL C 79 15.34 -3.03 -19.11
C VAL C 79 14.09 -3.91 -19.02
N THR C 80 13.21 -3.80 -20.01
CA THR C 80 12.00 -4.62 -20.07
C THR C 80 12.02 -5.50 -21.32
N VAL C 81 11.80 -6.79 -21.13
CA VAL C 81 11.90 -7.78 -22.22
C VAL C 81 10.74 -8.78 -22.14
N PRO C 82 10.21 -9.20 -23.32
CA PRO C 82 9.25 -10.31 -23.30
C PRO C 82 9.91 -11.62 -22.89
N PHE C 83 9.19 -12.46 -22.16
CA PHE C 83 9.77 -13.70 -21.64
C PHE C 83 8.72 -14.79 -21.47
N HIS C 84 8.89 -15.89 -22.19
CA HIS C 84 7.99 -17.03 -22.13
C HIS C 84 8.55 -18.09 -21.20
N VAL C 85 7.71 -18.56 -20.29
CA VAL C 85 8.08 -19.61 -19.35
C VAL C 85 7.49 -20.94 -19.82
N THR C 86 8.35 -21.89 -20.17
CA THR C 86 7.93 -23.15 -20.77
C THR C 86 7.35 -24.13 -19.74
N GLU C 87 7.98 -24.20 -18.58
CA GLU C 87 7.53 -25.07 -17.48
C GLU C 87 7.46 -24.26 -16.19
N ASN C 88 6.65 -24.70 -15.24
CA ASN C 88 6.48 -23.98 -13.97
C ASN C 88 7.77 -23.90 -13.17
N GLY C 89 8.61 -22.93 -13.50
CA GLY C 89 9.89 -22.72 -12.81
C GLY C 89 10.95 -22.11 -13.71
N ILE C 90 11.82 -21.29 -13.11
CA ILE C 90 12.97 -20.72 -13.80
C ILE C 90 14.20 -20.75 -12.91
N HIS C 91 15.36 -20.49 -13.50
CA HIS C 91 16.60 -20.31 -12.74
C HIS C 91 17.20 -18.94 -13.03
N ILE C 92 18.03 -18.48 -12.10
CA ILE C 92 18.87 -17.31 -12.31
C ILE C 92 20.28 -17.66 -11.85
N GLU C 93 21.27 -17.33 -12.69
CA GLU C 93 22.63 -17.77 -12.46
C GLU C 93 23.63 -16.93 -13.24
N SER C 94 24.81 -16.73 -12.67
CA SER C 94 25.93 -16.09 -13.35
C SER C 94 26.98 -17.17 -13.61
N ILE C 95 28.09 -16.80 -14.24
CA ILE C 95 29.11 -17.79 -14.61
C ILE C 95 29.72 -18.39 -13.33
N MSE C 96 29.31 -19.62 -13.03
CA MSE C 96 29.85 -20.44 -11.95
C MSE C 96 29.44 -19.97 -10.57
O MSE C 96 30.11 -20.27 -9.57
CB MSE C 96 31.37 -20.56 -12.07
CG MSE C 96 31.70 -21.12 -13.46
SE MSE C 96 32.48 -22.90 -13.23
CE MSE C 96 34.34 -22.26 -13.13
N SER C 97 28.32 -19.25 -10.50
CA SER C 97 27.73 -18.86 -9.23
C SER C 97 26.83 -19.97 -8.73
N LYS C 98 26.18 -19.75 -7.59
CA LYS C 98 25.11 -20.64 -7.14
C LYS C 98 23.97 -20.53 -8.15
N ARG C 99 23.18 -21.60 -8.26
CA ARG C 99 21.99 -21.59 -9.10
C ARG C 99 20.78 -21.19 -8.26
N LEU C 100 20.16 -20.06 -8.58
CA LEU C 100 18.93 -19.64 -7.92
C LEU C 100 17.74 -20.25 -8.66
N SER C 101 16.66 -20.49 -7.92
CA SER C 101 15.45 -21.08 -8.50
C SER C 101 14.21 -20.33 -8.02
N PHE C 102 13.27 -20.14 -8.93
CA PHE C 102 12.01 -19.44 -8.64
C PHE C 102 10.89 -20.16 -9.36
N ASP C 103 9.86 -20.61 -8.63
CA ASP C 103 8.74 -21.30 -9.27
C ASP C 103 7.78 -20.28 -9.91
N LEU C 104 8.16 -19.82 -11.09
CA LEU C 104 7.33 -18.91 -11.88
C LEU C 104 6.44 -19.77 -12.79
N PRO C 105 5.11 -19.52 -12.75
CA PRO C 105 4.17 -20.33 -13.56
C PRO C 105 4.41 -20.25 -15.07
N LYS C 106 3.90 -21.24 -15.78
CA LYS C 106 3.99 -21.30 -17.24
C LYS C 106 3.20 -20.14 -17.84
N GLY C 107 3.72 -19.56 -18.92
CA GLY C 107 3.04 -18.49 -19.64
C GLY C 107 3.96 -17.37 -20.10
N ASP C 108 3.34 -16.30 -20.59
CA ASP C 108 4.06 -15.15 -21.13
C ASP C 108 4.12 -14.02 -20.11
N TYR C 109 5.26 -13.35 -20.05
CA TYR C 109 5.50 -12.26 -19.11
C TYR C 109 6.20 -11.09 -19.79
N GLN C 110 6.09 -9.92 -19.15
CA GLN C 110 7.00 -8.82 -19.43
C GLN C 110 7.98 -8.78 -18.27
N LEU C 111 9.24 -9.08 -18.57
CA LEU C 111 10.27 -9.20 -17.53
C LEU C 111 11.09 -7.92 -17.48
N THR C 112 11.04 -7.22 -16.35
CA THR C 112 11.76 -5.97 -16.16
C THR C 112 12.88 -6.14 -15.15
N CYS C 113 14.08 -5.66 -15.51
CA CYS C 113 15.23 -5.68 -14.62
C CYS C 113 15.72 -4.27 -14.34
N TRP C 114 15.65 -3.87 -13.07
CA TRP C 114 16.20 -2.58 -12.62
C TRP C 114 17.58 -2.79 -12.02
N THR C 115 18.55 -1.97 -12.44
CA THR C 115 19.87 -1.97 -11.84
C THR C 115 19.92 -0.93 -10.72
N VAL C 116 20.08 -1.40 -9.49
CA VAL C 116 20.21 -0.52 -8.32
C VAL C 116 21.59 -0.71 -7.71
N PRO C 117 22.53 0.21 -8.02
CA PRO C 117 23.89 0.09 -7.47
C PRO C 117 23.92 0.18 -5.95
N ALA C 118 24.98 -0.36 -5.36
CA ALA C 118 25.15 -0.40 -3.89
C ALA C 118 24.86 0.94 -3.24
N GLU C 119 25.42 2.00 -3.82
CA GLU C 119 25.25 3.37 -3.33
C GLU C 119 23.79 3.81 -3.22
N MSE C 120 22.92 3.22 -4.04
CA MSE C 120 21.48 3.51 -4.03
C MSE C 120 20.65 2.48 -3.32
O MSE C 120 19.52 2.76 -2.94
CB MSE C 120 20.96 3.55 -5.47
CG MSE C 120 21.30 4.84 -6.18
SE MSE C 120 20.58 4.70 -8.00
CE MSE C 120 21.74 6.07 -8.80
N SER C 121 21.19 1.28 -3.14
CA SER C 121 20.43 0.17 -2.57
C SER C 121 20.46 0.18 -1.05
N ASP C 122 19.35 -0.21 -0.43
CA ASP C 122 19.28 -0.31 1.02
C ASP C 122 19.87 -1.63 1.55
N LEU C 123 20.24 -2.52 0.63
CA LEU C 123 21.04 -3.70 0.97
C LEU C 123 22.54 -3.38 0.93
N HIS C 124 22.88 -2.17 0.48
CA HIS C 124 24.26 -1.68 0.48
C HIS C 124 25.19 -2.56 -0.34
N ALA C 125 24.65 -3.10 -1.42
CA ALA C 125 25.39 -3.89 -2.39
C ALA C 125 24.60 -3.81 -3.68
N ASP C 126 25.28 -4.00 -4.82
CA ASP C 126 24.63 -3.93 -6.12
C ASP C 126 23.41 -4.84 -6.12
N THR C 127 22.26 -4.27 -6.45
CA THR C 127 20.99 -4.97 -6.36
C THR C 127 20.28 -4.96 -7.70
N TYR C 128 19.73 -6.11 -8.08
CA TYR C 128 18.99 -6.24 -9.32
C TYR C 128 17.58 -6.73 -9.04
N ILE C 129 16.61 -5.83 -9.24
CA ILE C 129 15.20 -6.14 -9.02
C ILE C 129 14.63 -6.67 -10.33
N ILE C 130 14.03 -7.85 -10.29
CA ILE C 130 13.47 -8.49 -11.46
C ILE C 130 11.98 -8.75 -11.25
N ASP C 131 11.14 -7.95 -11.91
CA ASP C 131 9.69 -8.11 -11.82
C ASP C 131 9.16 -8.81 -13.06
N ALA C 132 8.51 -9.95 -12.85
CA ALA C 132 7.84 -10.66 -13.93
C ALA C 132 6.35 -10.30 -13.90
N VAL C 133 5.92 -9.50 -14.88
CA VAL C 133 4.53 -9.07 -14.99
C VAL C 133 3.79 -9.98 -15.97
N SER C 134 2.72 -10.62 -15.49
CA SER C 134 1.96 -11.56 -16.31
C SER C 134 1.30 -10.87 -17.51
N VAL C 135 1.41 -11.50 -18.67
CA VAL C 135 0.79 -11.02 -19.91
C VAL C 135 0.23 -12.19 -20.70
N ALA D 3 2.23 31.37 13.40
CA ALA D 3 0.80 31.19 13.01
C ALA D 3 0.36 32.28 12.03
N MSE D 4 0.95 32.27 10.84
CA MSE D 4 0.60 33.20 9.76
C MSE D 4 0.19 32.42 8.56
O MSE D 4 0.62 31.28 8.36
CB MSE D 4 1.78 34.13 9.44
CG MSE D 4 3.09 33.38 9.20
SE MSE D 4 4.29 34.47 8.07
CE MSE D 4 3.26 34.41 6.39
N ILE D 5 -0.66 33.03 7.73
CA ILE D 5 -1.21 32.37 6.55
C ILE D 5 -0.52 32.88 5.28
N LYS D 6 -0.10 31.95 4.43
CA LYS D 6 0.61 32.29 3.19
C LYS D 6 0.40 31.19 2.14
N SER D 7 0.07 31.62 0.92
CA SER D 7 -0.05 30.70 -0.21
C SER D 7 0.82 31.20 -1.37
N TRP D 8 1.68 30.32 -1.87
CA TRP D 8 2.58 30.65 -2.97
C TRP D 8 1.89 30.33 -4.29
N LYS D 9 2.29 31.03 -5.36
CA LYS D 9 1.78 30.74 -6.70
C LYS D 9 2.24 29.35 -7.14
N PRO D 10 1.44 28.66 -7.96
CA PRO D 10 1.82 27.32 -8.42
C PRO D 10 3.16 27.32 -9.15
N GLN D 11 3.99 26.33 -8.87
CA GLN D 11 5.32 26.21 -9.46
C GLN D 11 5.44 24.90 -10.22
N GLU D 12 5.83 24.99 -11.49
CA GLU D 12 5.96 23.82 -12.35
C GLU D 12 7.24 23.04 -12.02
N LEU D 13 7.15 21.72 -12.03
CA LEU D 13 8.27 20.86 -11.69
C LEU D 13 8.20 19.58 -12.48
N SER D 14 9.32 19.21 -13.11
CA SER D 14 9.41 17.95 -13.86
C SER D 14 9.73 16.81 -12.89
N ILE D 15 8.78 15.89 -12.73
CA ILE D 15 8.92 14.78 -11.80
C ILE D 15 9.57 13.60 -12.49
N SER D 16 10.60 13.03 -11.86
CA SER D 16 11.26 11.83 -12.35
C SER D 16 11.38 10.81 -11.22
N TYR D 17 11.48 9.54 -11.59
CA TYR D 17 11.64 8.44 -10.65
C TYR D 17 10.56 8.41 -9.56
N HIS D 18 9.35 8.84 -9.91
CA HIS D 18 8.19 8.80 -9.04
C HIS D 18 8.43 9.42 -7.65
N GLN D 19 9.07 10.58 -7.63
CA GLN D 19 9.35 11.26 -6.37
C GLN D 19 9.70 12.73 -6.51
N PHE D 20 9.51 13.46 -5.41
CA PHE D 20 10.12 14.77 -5.22
C PHE D 20 10.42 14.92 -3.73
N THR D 21 11.40 15.78 -3.41
CA THR D 21 11.90 15.89 -2.05
C THR D 21 11.79 17.31 -1.52
N VAL D 22 11.28 17.44 -0.29
CA VAL D 22 11.32 18.69 0.45
C VAL D 22 12.49 18.62 1.42
N PHE D 23 13.36 19.63 1.38
CA PHE D 23 14.58 19.62 2.19
C PHE D 23 15.04 21.01 2.59
N GLN D 24 16.07 21.07 3.44
CA GLN D 24 16.52 22.33 4.05
C GLN D 24 17.29 23.19 3.07
N LYS D 25 17.37 24.48 3.38
CA LYS D 25 17.90 25.51 2.48
C LYS D 25 19.37 25.31 2.12
N ASP D 26 20.21 25.09 3.13
CA ASP D 26 21.66 24.96 2.93
C ASP D 26 22.11 23.52 3.17
N SER D 27 21.58 22.59 2.38
CA SER D 27 21.94 21.18 2.50
C SER D 27 21.61 20.39 1.24
N THR D 28 22.29 19.26 1.07
CA THR D 28 22.01 18.32 -0.01
C THR D 28 21.16 17.18 0.55
N PRO D 29 20.11 16.77 -0.17
CA PRO D 29 19.29 15.67 0.34
C PRO D 29 20.08 14.37 0.49
N PRO D 30 19.84 13.63 1.59
CA PRO D 30 20.52 12.34 1.78
C PRO D 30 19.93 11.25 0.90
N VAL D 31 20.61 10.09 0.88
CA VAL D 31 20.11 8.94 0.14
C VAL D 31 18.97 8.32 0.96
N MSE D 32 17.81 8.15 0.32
CA MSE D 32 16.62 7.67 1.02
C MSE D 32 16.55 6.17 1.00
O MSE D 32 16.95 5.53 0.03
CB MSE D 32 15.35 8.23 0.38
CG MSE D 32 15.23 9.73 0.58
SE MSE D 32 14.90 10.15 2.48
CE MSE D 32 14.91 12.12 2.35
N ASP D 33 16.03 5.60 2.08
CA ASP D 33 15.83 4.17 2.21
C ASP D 33 14.39 3.83 1.78
N TRP D 34 14.22 3.49 0.50
CA TRP D 34 12.90 3.14 -0.03
C TRP D 34 12.54 1.70 0.33
N THR D 35 12.15 1.49 1.58
CA THR D 35 11.69 0.18 2.03
C THR D 35 10.29 -0.08 1.50
N ASP D 36 9.86 -1.33 1.60
CA ASP D 36 8.49 -1.70 1.24
C ASP D 36 7.49 -0.82 1.99
N GLU D 37 7.74 -0.63 3.29
CA GLU D 37 6.90 0.21 4.14
C GLU D 37 6.87 1.66 3.68
N ALA D 38 8.04 2.23 3.42
CA ALA D 38 8.15 3.61 2.95
C ALA D 38 7.35 3.84 1.66
N ILE D 39 7.46 2.90 0.74
CA ILE D 39 6.72 2.96 -0.53
C ILE D 39 5.22 2.85 -0.26
N GLU D 40 4.84 1.93 0.62
CA GLU D 40 3.44 1.74 1.01
C GLU D 40 2.84 2.99 1.66
N LYS D 41 3.61 3.62 2.55
CA LYS D 41 3.18 4.84 3.24
C LYS D 41 3.10 6.05 2.31
N GLY D 42 3.89 6.04 1.23
CA GLY D 42 3.88 7.12 0.25
C GLY D 42 4.95 8.17 0.50
N TYR D 43 5.89 7.90 1.38
CA TYR D 43 7.01 8.82 1.62
C TYR D 43 8.20 8.14 2.29
N ALA D 44 9.37 8.76 2.17
CA ALA D 44 10.57 8.34 2.88
C ALA D 44 11.21 9.57 3.51
N ALA D 45 11.53 9.47 4.80
CA ALA D 45 12.09 10.59 5.55
C ALA D 45 13.44 10.22 6.16
N ALA D 46 14.37 11.16 6.13
CA ALA D 46 15.67 10.99 6.77
C ALA D 46 16.38 12.34 6.89
N ASP D 47 17.14 12.50 7.98
N ASP D 47 17.06 12.56 8.01
CA ASP D 47 17.79 13.76 8.33
CA ASP D 47 17.96 13.71 8.21
C ASP D 47 16.75 14.88 8.41
C ASP D 47 17.52 15.03 7.54
N GLY D 48 16.94 15.91 7.59
N GLY D 48 16.40 15.59 7.99
CA GLY D 48 15.98 16.99 7.52
CA GLY D 48 15.97 16.92 7.57
C GLY D 48 15.30 17.05 6.17
C GLY D 48 15.34 17.02 6.18
N ALA D 49 14.88 15.89 5.66
CA ALA D 49 14.23 15.84 4.33
C ALA D 49 13.15 14.78 4.27
N ILE D 50 12.19 15.00 3.37
CA ILE D 50 11.11 14.05 3.10
C ILE D 50 10.91 13.88 1.60
N SER D 51 11.04 12.66 1.12
CA SER D 51 10.77 12.34 -0.28
C SER D 51 9.37 11.75 -0.39
N PHE D 52 8.49 12.44 -1.11
CA PHE D 52 7.12 11.98 -1.32
C PHE D 52 7.02 11.16 -2.61
N GLU D 53 6.26 10.07 -2.55
CA GLU D 53 5.94 9.30 -3.75
C GLU D 53 5.03 10.12 -4.68
N ALA D 54 5.39 10.17 -5.95
CA ALA D 54 4.59 10.84 -6.98
C ALA D 54 3.97 9.79 -7.90
N GLN D 55 2.78 10.09 -8.41
CA GLN D 55 2.01 9.14 -9.20
C GLN D 55 2.64 8.86 -10.56
N ARG D 56 2.98 9.93 -11.28
CA ARG D 56 3.51 9.82 -12.64
C ARG D 56 4.71 10.73 -12.85
N ASN D 57 5.58 10.34 -13.79
CA ASN D 57 6.73 11.14 -14.15
C ASN D 57 6.37 12.12 -15.26
N THR D 58 6.02 13.33 -14.87
CA THR D 58 5.56 14.35 -15.79
C THR D 58 5.80 15.74 -15.21
N LYS D 59 5.59 16.78 -16.01
CA LYS D 59 5.62 18.15 -15.52
C LYS D 59 4.37 18.40 -14.70
N ALA D 60 4.55 18.59 -13.39
CA ALA D 60 3.45 18.77 -12.46
C ALA D 60 3.58 20.10 -11.74
N PHE D 61 2.50 20.53 -11.10
CA PHE D 61 2.49 21.77 -10.31
C PHE D 61 2.61 21.45 -8.82
N ILE D 62 3.44 22.23 -8.13
CA ILE D 62 3.51 22.19 -6.68
C ILE D 62 2.77 23.41 -6.15
N LEU D 63 1.76 23.18 -5.30
CA LEU D 63 1.05 24.24 -4.60
C LEU D 63 1.43 24.19 -3.14
N PHE D 64 2.37 25.07 -2.76
CA PHE D 64 2.81 25.14 -1.38
C PHE D 64 1.95 26.12 -0.60
N ARG D 65 1.54 25.71 0.60
CA ARG D 65 0.68 26.51 1.46
C ARG D 65 1.19 26.46 2.90
N LEU D 66 0.96 27.56 3.62
CA LEU D 66 1.33 27.68 5.02
C LEU D 66 0.07 28.00 5.84
N ASN D 67 -0.33 27.07 6.71
CA ASN D 67 -1.51 27.24 7.55
C ASN D 67 -2.75 27.63 6.75
N SER D 68 -3.02 26.90 5.67
CA SER D 68 -4.16 27.19 4.80
C SER D 68 -5.48 26.90 5.49
N SER D 69 -6.47 27.74 5.23
CA SER D 69 -7.84 27.52 5.71
C SER D 69 -8.63 26.66 4.71
N GLU D 70 -8.19 26.65 3.45
CA GLU D 70 -8.85 25.89 2.40
C GLU D 70 -8.79 24.39 2.67
N THR D 71 -9.83 23.68 2.24
CA THR D 71 -9.90 22.23 2.38
C THR D 71 -9.62 21.55 1.04
N VAL D 72 -9.01 20.38 1.09
CA VAL D 72 -8.82 19.56 -0.11
C VAL D 72 -9.89 18.47 -0.10
N ASN D 73 -10.94 18.69 -0.88
CA ASN D 73 -12.14 17.86 -0.84
C ASN D 73 -11.95 16.48 -1.46
N SER D 74 -11.06 16.38 -2.44
CA SER D 74 -10.86 15.15 -3.20
C SER D 74 -9.39 14.96 -3.59
N TYR D 75 -8.97 13.71 -3.67
CA TYR D 75 -7.55 13.40 -3.92
C TYR D 75 -7.34 11.94 -4.32
N GLU D 76 -6.19 11.67 -4.92
CA GLU D 76 -5.77 10.32 -5.28
C GLU D 76 -4.96 9.70 -4.13
N LYS D 77 -4.17 10.53 -3.46
CA LYS D 77 -3.43 10.10 -2.27
C LYS D 77 -3.28 11.27 -1.29
N LYS D 78 -3.21 10.93 0.00
CA LYS D 78 -3.02 11.91 1.07
C LYS D 78 -2.01 11.37 2.07
N VAL D 79 -0.96 12.14 2.33
CA VAL D 79 0.12 11.74 3.22
C VAL D 79 0.47 12.87 4.17
N THR D 80 0.61 12.57 5.45
CA THR D 80 0.91 13.58 6.46
C THR D 80 2.15 13.19 7.28
N VAL D 81 3.12 14.09 7.34
CA VAL D 81 4.42 13.82 7.94
C VAL D 81 4.87 15.01 8.79
N PRO D 82 5.48 14.74 9.97
CA PRO D 82 6.09 15.84 10.73
C PRO D 82 7.36 16.34 10.04
N PHE D 83 7.64 17.64 10.15
CA PHE D 83 8.77 18.24 9.44
C PHE D 83 9.36 19.41 10.20
N HIS D 84 10.64 19.31 10.54
CA HIS D 84 11.36 20.40 11.19
C HIS D 84 12.13 21.24 10.17
N VAL D 85 12.05 22.55 10.31
CA VAL D 85 12.74 23.49 9.43
C VAL D 85 13.82 24.20 10.22
N THR D 86 15.08 23.98 9.83
CA THR D 86 16.24 24.47 10.59
C THR D 86 16.55 25.93 10.29
N GLU D 87 16.40 26.34 9.04
CA GLU D 87 16.69 27.72 8.62
C GLU D 87 15.51 28.30 7.85
N ASN D 88 15.42 29.62 7.80
CA ASN D 88 14.38 30.30 7.04
C ASN D 88 14.44 29.94 5.56
N GLY D 89 13.58 28.99 5.16
CA GLY D 89 13.47 28.60 3.76
C GLY D 89 13.65 27.11 3.54
N ILE D 90 13.01 26.59 2.51
CA ILE D 90 13.13 25.19 2.12
C ILE D 90 13.30 25.09 0.61
N HIS D 91 13.67 23.89 0.16
CA HIS D 91 13.74 23.58 -1.27
C HIS D 91 12.82 22.41 -1.58
N ILE D 92 12.30 22.40 -2.80
CA ILE D 92 11.60 21.24 -3.33
C ILE D 92 12.19 20.91 -4.70
N GLU D 93 12.43 19.63 -4.95
CA GLU D 93 13.17 19.20 -6.13
C GLU D 93 13.00 17.70 -6.39
N SER D 94 12.94 17.33 -7.67
CA SER D 94 12.97 15.93 -8.09
C SER D 94 14.33 15.66 -8.73
N ILE D 95 14.54 14.44 -9.22
CA ILE D 95 15.85 14.07 -9.78
C ILE D 95 16.11 14.80 -11.11
N MSE D 96 17.09 15.70 -11.09
CA MSE D 96 17.54 16.46 -12.27
C MSE D 96 16.56 17.53 -12.68
O MSE D 96 16.61 18.01 -13.82
CB MSE D 96 17.87 15.55 -13.47
CG MSE D 96 18.83 14.43 -13.11
SE MSE D 96 20.68 15.10 -13.15
CE MSE D 96 21.60 13.36 -13.35
N SER D 97 15.68 17.94 -11.77
CA SER D 97 14.71 19.00 -12.05
C SER D 97 15.25 20.36 -11.62
N LYS D 98 14.44 21.40 -11.81
CA LYS D 98 14.72 22.71 -11.23
C LYS D 98 14.64 22.60 -9.71
N ARG D 99 15.43 23.43 -9.02
CA ARG D 99 15.33 23.55 -7.57
C ARG D 99 14.36 24.68 -7.24
N LEU D 100 13.20 24.33 -6.67
CA LEU D 100 12.24 25.32 -6.20
C LEU D 100 12.65 25.79 -4.81
N SER D 101 12.25 27.01 -4.46
CA SER D 101 12.55 27.59 -3.16
C SER D 101 11.31 28.26 -2.57
N PHE D 102 11.09 28.07 -1.26
CA PHE D 102 9.98 28.67 -0.55
C PHE D 102 10.46 29.19 0.80
N ASP D 103 10.18 30.45 1.10
CA ASP D 103 10.62 31.06 2.36
C ASP D 103 9.73 30.64 3.54
N LEU D 104 9.78 29.35 3.86
CA LEU D 104 9.07 28.79 5.00
C LEU D 104 9.86 29.12 6.26
N PRO D 105 9.23 29.78 7.25
CA PRO D 105 9.94 30.11 8.48
C PRO D 105 10.49 28.91 9.25
N LYS D 106 11.50 29.15 10.09
CA LYS D 106 12.02 28.13 10.99
C LYS D 106 10.93 27.64 11.94
N GLY D 107 11.02 26.37 12.33
CA GLY D 107 10.07 25.80 13.27
C GLY D 107 9.67 24.37 12.92
N ASP D 108 8.63 23.89 13.59
CA ASP D 108 8.12 22.54 13.40
C ASP D 108 6.75 22.58 12.74
N TYR D 109 6.52 21.66 11.81
CA TYR D 109 5.27 21.63 11.06
C TYR D 109 4.74 20.21 10.89
N GLN D 110 3.46 20.12 10.59
CA GLN D 110 2.86 18.90 10.05
C GLN D 110 2.71 19.15 8.56
N LEU D 111 3.46 18.41 7.75
CA LEU D 111 3.37 18.51 6.30
C LEU D 111 2.37 17.50 5.78
N THR D 112 1.32 17.99 5.13
CA THR D 112 0.37 17.12 4.43
C THR D 112 0.51 17.34 2.93
N CYS D 113 0.77 16.25 2.20
CA CYS D 113 0.87 16.28 0.74
C CYS D 113 -0.33 15.57 0.11
N TRP D 114 -1.11 16.32 -0.67
CA TRP D 114 -2.22 15.74 -1.45
C TRP D 114 -1.80 15.56 -2.90
N THR D 115 -1.94 14.33 -3.41
CA THR D 115 -1.77 14.07 -4.83
C THR D 115 -3.10 14.35 -5.53
N VAL D 116 -3.09 15.31 -6.44
CA VAL D 116 -4.30 15.73 -7.16
C VAL D 116 -4.04 15.63 -8.67
N PRO D 117 -4.41 14.49 -9.28
CA PRO D 117 -4.21 14.27 -10.72
C PRO D 117 -4.83 15.34 -11.61
N ALA D 118 -4.30 15.49 -12.81
CA ALA D 118 -4.75 16.51 -13.77
C ALA D 118 -6.26 16.46 -13.97
N GLU D 119 -6.79 15.24 -14.07
CA GLU D 119 -8.24 15.01 -14.18
C GLU D 119 -9.07 15.84 -13.21
N MSE D 120 -8.61 15.98 -11.97
CA MSE D 120 -9.38 16.66 -10.92
C MSE D 120 -8.73 17.93 -10.43
O MSE D 120 -9.18 18.51 -9.43
CB MSE D 120 -9.61 15.70 -9.74
CG MSE D 120 -8.34 15.03 -9.24
SE MSE D 120 -8.71 14.11 -7.54
CE MSE D 120 -8.51 12.26 -8.20
N SER D 121 -7.69 18.39 -11.12
CA SER D 121 -7.00 19.62 -10.73
C SER D 121 -7.56 20.83 -11.48
N ASP D 122 -7.70 21.95 -10.77
CA ASP D 122 -8.13 23.21 -11.38
C ASP D 122 -7.10 23.75 -12.37
N LEU D 123 -5.83 23.39 -12.17
CA LEU D 123 -4.75 23.80 -13.06
C LEU D 123 -4.59 22.87 -14.27
N HIS D 124 -5.43 21.82 -14.35
CA HIS D 124 -5.46 20.92 -15.50
C HIS D 124 -4.12 20.23 -15.75
N ALA D 125 -3.46 19.86 -14.67
CA ALA D 125 -2.20 19.13 -14.71
C ALA D 125 -1.98 18.50 -13.35
N ASP D 126 -1.19 17.43 -13.30
CA ASP D 126 -0.86 16.78 -12.04
C ASP D 126 -0.43 17.84 -11.03
N THR D 127 -1.12 17.87 -9.89
CA THR D 127 -0.90 18.87 -8.87
C THR D 127 -0.62 18.20 -7.54
N TYR D 128 0.40 18.69 -6.84
CA TYR D 128 0.71 18.24 -5.50
C TYR D 128 0.54 19.41 -4.55
N ILE D 129 -0.52 19.35 -3.74
CA ILE D 129 -0.80 20.38 -2.75
C ILE D 129 -0.05 20.01 -1.48
N ILE D 130 0.85 20.89 -1.05
CA ILE D 130 1.61 20.68 0.16
C ILE D 130 1.25 21.79 1.15
N ASP D 131 0.61 21.41 2.25
CA ASP D 131 0.24 22.38 3.29
C ASP D 131 1.12 22.17 4.53
N ALA D 132 1.90 23.18 4.86
CA ALA D 132 2.68 23.18 6.09
C ALA D 132 1.87 23.83 7.20
N VAL D 133 1.49 23.03 8.19
CA VAL D 133 0.70 23.51 9.32
C VAL D 133 1.60 23.69 10.53
N SER D 134 1.68 24.92 11.03
CA SER D 134 2.53 25.25 12.19
C SER D 134 2.07 24.50 13.44
N VAL D 135 3.01 23.82 14.08
CA VAL D 135 2.73 23.00 15.26
C VAL D 135 3.21 23.72 16.51
#